data_6GVX
#
_entry.id   6GVX
#
_cell.length_a   65.475
_cell.length_b   80.074
_cell.length_c   77.975
_cell.angle_alpha   90.00
_cell.angle_beta   110.58
_cell.angle_gamma   90.00
#
_symmetry.space_group_name_H-M   'P 1 21 1'
#
loop_
_entity.id
_entity.type
_entity.pdbx_description
1 polymer 'Maternal embryonic leucine zipper kinase'
2 non-polymer 1,2-ETHANEDIOL
3 non-polymer 6-[4-(2-piperidin-1-ylethoxy)phenyl]-3-pyridin-4-ylpyrazolo[1,5-a]pyrimidine
4 water water
#
_entity_poly.entity_id   1
_entity_poly.type   'polypeptide(L)'
_entity_poly.pdbx_seq_one_letter_code
;PLGSMKDYDELLKYYELHETIGTGGFAKVKLACHILTGEMVAIKIMDKNTLGSDLPRIKTEIEALKNLRHQHICQLYHVL
ETANKIFMVLEYCPGGELFDYIISQDRLSEEETRVVFRQIVSAVAYVHSQGYAHRDLKPENLLFDEYHKLKLIDFGLCAK
PKGNKDYHLQTCCGSLAYAAPELIQGKSYLGSEADVWSMGILLYVLMCGFLPFDDDNVMALYKKIMRGKYDVPKWLSPSS
ILLLQQMLQVDPKKRISMKNLLNHPWIMQDYNYPVEWQSKNPFIHLDDDCVTELSVHHRNNRQTMEDLISLWQYDHLTAT
YLLLLAKKARGKPVRLRLSSFSCG
;
_entity_poly.pdbx_strand_id   A,B
#
# COMPACT_ATOMS: atom_id res chain seq x y z
N PRO A 1 7.63 6.49 -13.69
N PRO A 1 9.36 6.52 -14.24
CA PRO A 1 8.17 7.81 -13.37
CA PRO A 1 8.35 7.48 -13.75
C PRO A 1 7.81 8.86 -14.43
C PRO A 1 8.00 8.54 -14.80
N LEU A 2 6.72 8.63 -15.15
CA LEU A 2 6.27 9.58 -16.15
C LEU A 2 5.39 10.66 -15.52
N GLY A 3 4.48 10.22 -14.64
CA GLY A 3 3.63 11.13 -13.90
C GLY A 3 2.54 11.76 -14.74
N SER A 4 2.24 11.16 -15.89
CA SER A 4 1.22 11.68 -16.78
C SER A 4 -0.19 11.50 -16.21
N MET A 5 -1.01 12.54 -16.32
CA MET A 5 -2.38 12.47 -15.84
C MET A 5 -3.34 12.10 -16.96
N LYS A 6 -2.81 11.98 -18.17
CA LYS A 6 -3.64 11.66 -19.34
C LYS A 6 -4.02 10.18 -19.37
N ASP A 7 -3.34 9.37 -18.57
CA ASP A 7 -3.62 7.94 -18.52
C ASP A 7 -4.94 7.65 -17.82
N TYR A 8 -5.41 8.62 -17.04
CA TYR A 8 -6.63 8.45 -16.26
C TYR A 8 -7.87 8.89 -17.02
N ASP A 9 -7.68 9.33 -18.26
CA ASP A 9 -8.78 9.84 -19.08
C ASP A 9 -9.87 8.80 -19.30
N GLU A 10 -9.48 7.63 -19.81
CA GLU A 10 -10.44 6.57 -20.08
C GLU A 10 -11.00 5.97 -18.78
N LEU A 11 -10.16 5.95 -17.74
CA LEU A 11 -10.55 5.35 -16.47
C LEU A 11 -11.62 6.17 -15.76
N LEU A 12 -11.43 7.49 -15.73
CA LEU A 12 -12.35 8.39 -15.04
C LEU A 12 -13.71 8.49 -15.73
N LYS A 13 -13.79 7.93 -16.93
CA LYS A 13 -15.05 7.93 -17.68
C LYS A 13 -16.00 6.84 -17.16
N TYR A 14 -15.49 5.97 -16.30
CA TYR A 14 -16.30 4.89 -15.75
C TYR A 14 -16.21 4.80 -14.23
N TYR A 15 -15.13 5.33 -13.66
CA TYR A 15 -14.89 5.20 -12.23
C TYR A 15 -14.53 6.51 -11.56
N GLU A 16 -14.87 6.62 -10.29
CA GLU A 16 -14.46 7.76 -9.47
C GLU A 16 -13.38 7.33 -8.49
N LEU A 17 -12.15 7.82 -8.71
CA LEU A 17 -11.02 7.43 -7.89
C LEU A 17 -11.08 8.00 -6.47
N HIS A 18 -10.74 7.17 -5.49
CA HIS A 18 -10.67 7.62 -4.10
C HIS A 18 -9.25 7.53 -3.57
N GLU A 19 -9.09 6.98 -2.36
CA GLU A 19 -7.79 6.95 -1.70
C GLU A 19 -7.03 5.65 -1.97
N THR A 20 -5.74 5.68 -1.68
CA THR A 20 -4.88 4.50 -1.79
C THR A 20 -5.06 3.60 -0.57
N ILE A 21 -5.33 2.32 -0.78
CA ILE A 21 -5.65 1.43 0.32
C ILE A 21 -4.67 0.27 0.50
N GLY A 22 -4.05 -0.15 -0.59
CA GLY A 22 -3.17 -1.31 -0.55
C GLY A 22 -1.82 -1.10 -1.20
N THR A 23 -0.94 -2.07 -0.99
CA THR A 23 0.40 -2.04 -1.56
C THR A 23 0.43 -2.67 -2.95
N PHE A 26 4.26 -3.83 -4.79
CA PHE A 26 4.91 -3.10 -5.87
C PHE A 26 3.93 -2.14 -6.55
N ALA A 27 2.88 -2.70 -7.13
CA ALA A 27 1.86 -1.90 -7.81
C ALA A 27 1.05 -1.08 -6.80
N LYS A 28 0.33 -0.08 -7.30
CA LYS A 28 -0.46 0.79 -6.43
C LYS A 28 -1.95 0.47 -6.54
N VAL A 29 -2.60 0.33 -5.38
CA VAL A 29 -4.02 -0.02 -5.34
C VAL A 29 -4.86 1.12 -4.77
N LYS A 30 -5.88 1.52 -5.52
CA LYS A 30 -6.76 2.60 -5.10
C LYS A 30 -8.21 2.17 -5.04
N LEU A 31 -8.93 2.64 -4.04
CA LEU A 31 -10.37 2.42 -3.95
C LEU A 31 -11.08 3.31 -4.95
N ALA A 32 -12.09 2.75 -5.62
CA ALA A 32 -12.83 3.50 -6.64
C ALA A 32 -14.31 3.12 -6.63
N CYS A 33 -15.11 3.92 -7.34
CA CYS A 33 -16.54 3.67 -7.43
C CYS A 33 -17.00 3.61 -8.89
N HIS A 34 -17.54 2.46 -9.29
CA HIS A 34 -18.08 2.29 -10.63
C HIS A 34 -19.31 3.19 -10.82
N ILE A 35 -19.17 4.20 -11.67
CA ILE A 35 -20.17 5.24 -11.81
C ILE A 35 -21.54 4.72 -12.24
N LEU A 36 -21.55 3.80 -13.19
CA LEU A 36 -22.81 3.31 -13.76
C LEU A 36 -23.63 2.49 -12.76
N THR A 37 -22.95 1.68 -11.94
CA THR A 37 -23.65 0.83 -10.98
C THR A 37 -23.67 1.43 -9.58
N GLY A 38 -22.62 2.15 -9.21
CA GLY A 38 -22.51 2.72 -7.88
C GLY A 38 -21.74 1.83 -6.93
N GLU A 39 -21.41 0.62 -7.39
CA GLU A 39 -20.68 -0.34 -6.58
C GLU A 39 -19.24 0.09 -6.36
N MET A 40 -18.72 -0.21 -5.17
CA MET A 40 -17.33 0.09 -4.85
C MET A 40 -16.40 -0.99 -5.41
N VAL A 41 -15.29 -0.57 -5.98
CA VAL A 41 -14.31 -1.49 -6.56
C VAL A 41 -12.89 -1.13 -6.15
N ALA A 42 -11.97 -2.08 -6.31
CA ALA A 42 -10.56 -1.84 -6.07
C ALA A 42 -9.80 -1.86 -7.39
N ILE A 43 -9.07 -0.79 -7.67
CA ILE A 43 -8.31 -0.71 -8.92
C ILE A 43 -6.80 -0.80 -8.67
N LYS A 44 -6.16 -1.81 -9.25
CA LYS A 44 -4.71 -1.93 -9.18
C LYS A 44 -4.07 -1.20 -10.35
N ILE A 45 -3.11 -0.33 -10.05
CA ILE A 45 -2.47 0.48 -11.07
C ILE A 45 -0.98 0.14 -11.19
N MET A 46 -0.59 -0.34 -12.36
CA MET A 46 0.80 -0.71 -12.61
C MET A 46 1.43 0.22 -13.64
N ASP A 47 2.56 0.81 -13.27
CA ASP A 47 3.28 1.71 -14.17
C ASP A 47 4.28 0.93 -15.03
N LYS A 48 4.11 1.03 -16.34
CA LYS A 48 4.94 0.28 -17.29
C LYS A 48 6.33 0.89 -17.44
N ASN A 49 6.60 1.96 -16.69
CA ASN A 49 7.90 2.61 -16.73
C ASN A 49 8.67 2.43 -15.42
N THR A 50 7.96 2.00 -14.38
CA THR A 50 8.57 1.78 -13.08
C THR A 50 9.40 0.51 -13.04
N ASP A 54 7.45 -5.87 -12.62
CA ASP A 54 7.44 -7.12 -13.35
C ASP A 54 6.22 -7.22 -14.27
N LEU A 55 6.42 -6.85 -15.53
CA LEU A 55 5.35 -6.88 -16.52
C LEU A 55 4.81 -8.29 -16.82
N PRO A 56 5.69 -9.28 -17.02
CA PRO A 56 5.10 -10.60 -17.31
C PRO A 56 4.40 -11.22 -16.10
N ARG A 57 4.69 -10.72 -14.89
CA ARG A 57 4.07 -11.23 -13.69
C ARG A 57 2.60 -10.79 -13.60
N ILE A 58 2.34 -9.54 -13.94
CA ILE A 58 0.97 -9.03 -13.90
C ILE A 58 0.19 -9.53 -15.12
N LYS A 59 0.91 -9.88 -16.18
CA LYS A 59 0.29 -10.46 -17.37
C LYS A 59 -0.20 -11.88 -17.06
N THR A 60 0.51 -12.55 -16.17
CA THR A 60 0.15 -13.90 -15.74
C THR A 60 -1.13 -13.87 -14.93
N GLU A 61 -1.25 -12.88 -14.05
CA GLU A 61 -2.42 -12.74 -13.19
C GLU A 61 -3.67 -12.46 -14.00
N ILE A 62 -3.56 -11.56 -14.97
CA ILE A 62 -4.69 -11.18 -15.81
C ILE A 62 -5.22 -12.38 -16.58
N GLU A 63 -4.31 -13.11 -17.22
CA GLU A 63 -4.69 -14.29 -18.01
C GLU A 63 -5.38 -15.35 -17.15
N ALA A 64 -4.96 -15.46 -15.89
CA ALA A 64 -5.54 -16.43 -14.97
C ALA A 64 -6.93 -15.99 -14.50
N LEU A 65 -7.03 -14.73 -14.09
CA LEU A 65 -8.28 -14.19 -13.55
C LEU A 65 -9.37 -14.08 -14.60
N LYS A 66 -8.98 -14.11 -15.87
CA LYS A 66 -9.95 -14.09 -16.97
C LYS A 66 -10.61 -15.47 -17.11
N ASN A 67 -9.87 -16.52 -16.75
CA ASN A 67 -10.37 -17.88 -16.86
C ASN A 67 -10.88 -18.41 -15.54
N LEU A 68 -10.53 -17.74 -14.45
CA LEU A 68 -10.95 -18.14 -13.12
C LEU A 68 -12.09 -17.25 -12.62
N ARG A 69 -13.17 -17.89 -12.17
CA ARG A 69 -14.31 -17.17 -11.62
C ARG A 69 -14.94 -18.00 -10.50
N HIS A 70 -14.72 -17.56 -9.26
CA HIS A 70 -15.14 -18.32 -8.09
C HIS A 70 -15.56 -17.39 -6.97
N GLN A 71 -16.44 -17.87 -6.10
CA GLN A 71 -16.98 -17.06 -5.01
C GLN A 71 -15.93 -16.74 -3.94
N HIS A 72 -14.82 -17.49 -3.94
CA HIS A 72 -13.75 -17.25 -2.98
C HIS A 72 -12.47 -16.77 -3.68
N ILE A 73 -12.63 -16.30 -4.91
CA ILE A 73 -11.52 -15.67 -5.63
C ILE A 73 -11.90 -14.23 -5.98
N CYS A 74 -10.99 -13.29 -5.66
CA CYS A 74 -11.20 -11.88 -5.96
C CYS A 74 -11.43 -11.68 -7.45
N GLN A 75 -12.66 -11.27 -7.80
CA GLN A 75 -13.08 -11.19 -9.19
C GLN A 75 -12.42 -10.04 -9.96
N LEU A 76 -12.04 -10.32 -11.20
CA LEU A 76 -11.54 -9.30 -12.12
C LEU A 76 -12.68 -8.74 -12.97
N TYR A 77 -12.94 -7.44 -12.83
CA TYR A 77 -14.07 -6.81 -13.51
C TYR A 77 -13.69 -6.17 -14.83
N HIS A 78 -12.57 -5.45 -14.84
CA HIS A 78 -12.22 -4.61 -15.99
C HIS A 78 -10.71 -4.44 -16.11
N VAL A 79 -10.19 -4.65 -17.31
CA VAL A 79 -8.79 -4.42 -17.59
C VAL A 79 -8.62 -3.27 -18.59
N LEU A 80 -7.93 -2.22 -18.15
CA LEU A 80 -7.71 -1.06 -19.01
C LEU A 80 -6.23 -0.70 -19.09
N GLU A 81 -5.70 -0.65 -20.31
CA GLU A 81 -4.28 -0.38 -20.50
C GLU A 81 -4.05 0.81 -21.41
N THR A 82 -3.28 1.78 -20.93
CA THR A 82 -2.90 2.93 -21.74
C THR A 82 -1.48 2.73 -22.29
N ALA A 83 -0.81 3.84 -22.56
CA ALA A 83 0.53 3.79 -23.12
C ALA A 83 1.58 3.66 -22.03
N ASN A 84 1.20 3.97 -20.80
CA ASN A 84 2.14 3.99 -19.68
C ASN A 84 1.66 3.20 -18.47
N LYS A 85 0.37 2.89 -18.41
CA LYS A 85 -0.18 2.21 -17.24
C LYS A 85 -1.14 1.07 -17.60
N ILE A 86 -1.31 0.16 -16.65
CA ILE A 86 -2.27 -0.93 -16.77
C ILE A 86 -3.21 -0.92 -15.57
N PHE A 87 -4.50 -0.78 -15.83
CA PHE A 87 -5.49 -0.73 -14.76
C PHE A 87 -6.22 -2.06 -14.62
N MET A 88 -6.38 -2.51 -13.38
CA MET A 88 -7.14 -3.73 -13.10
C MET A 88 -8.25 -3.45 -12.09
N VAL A 89 -9.50 -3.45 -12.55
CA VAL A 89 -10.63 -3.25 -11.65
C VAL A 89 -11.03 -4.56 -11.01
N LEU A 90 -10.89 -4.62 -9.69
CA LEU A 90 -11.09 -5.87 -8.95
C LEU A 90 -12.16 -5.74 -7.88
N GLU A 91 -12.58 -6.89 -7.36
CA GLU A 91 -13.55 -6.95 -6.27
C GLU A 91 -12.97 -6.30 -5.01
N TYR A 92 -13.77 -5.42 -4.39
CA TYR A 92 -13.31 -4.70 -3.20
C TYR A 92 -13.58 -5.52 -1.94
N CYS A 93 -12.53 -5.75 -1.17
CA CYS A 93 -12.62 -6.54 0.06
C CYS A 93 -12.30 -5.70 1.28
N PRO A 94 -13.33 -5.13 1.92
CA PRO A 94 -13.16 -4.19 3.04
C PRO A 94 -12.55 -4.80 4.30
N GLY A 95 -12.68 -6.12 4.45
CA GLY A 95 -12.24 -6.79 5.67
C GLY A 95 -10.74 -6.86 5.87
N GLY A 96 -9.98 -6.60 4.81
CA GLY A 96 -8.53 -6.60 4.90
C GLY A 96 -7.92 -7.98 4.81
N GLU A 97 -6.61 -8.06 5.05
CA GLU A 97 -5.86 -9.30 4.94
C GLU A 97 -6.20 -10.30 6.04
N LEU A 98 -6.11 -11.58 5.72
CA LEU A 98 -6.23 -12.64 6.72
C LEU A 98 -5.07 -12.52 7.71
N PHE A 99 -3.90 -12.16 7.19
CA PHE A 99 -2.70 -11.98 7.99
C PHE A 99 -2.93 -11.03 9.15
N ASP A 100 -3.53 -9.88 8.85
CA ASP A 100 -3.83 -8.87 9.87
C ASP A 100 -4.85 -9.39 10.88
N TYR A 101 -5.78 -10.20 10.40
CA TYR A 101 -6.82 -10.76 11.26
C TYR A 101 -6.22 -11.75 12.26
N ILE A 102 -5.27 -12.54 11.82
CA ILE A 102 -4.60 -13.51 12.68
C ILE A 102 -3.82 -12.81 13.78
N ILE A 103 -3.10 -11.76 13.41
CA ILE A 103 -2.29 -11.01 14.37
C ILE A 103 -3.17 -10.35 15.44
N SER A 104 -4.29 -9.78 15.01
CA SER A 104 -5.19 -9.10 15.92
C SER A 104 -5.87 -10.06 16.90
N GLN A 105 -6.03 -11.31 16.47
CA GLN A 105 -6.70 -12.31 17.30
C GLN A 105 -5.71 -13.29 17.91
N ASP A 106 -4.43 -12.95 17.84
CA ASP A 106 -3.34 -13.82 18.28
C ASP A 106 -3.38 -15.16 17.54
N ARG A 107 -4.30 -16.03 17.93
CA ARG A 107 -4.55 -17.27 17.21
C ARG A 107 -6.04 -17.57 17.20
N LEU A 108 -6.50 -18.27 16.16
CA LEU A 108 -7.91 -18.60 16.03
C LEU A 108 -8.20 -19.96 16.66
N SER A 109 -9.44 -20.13 17.11
CA SER A 109 -9.87 -21.41 17.64
C SER A 109 -10.00 -22.42 16.51
N GLU A 110 -10.13 -23.70 16.86
CA GLU A 110 -10.26 -24.75 15.86
C GLU A 110 -11.55 -24.56 15.05
N GLU A 111 -12.62 -24.17 15.73
CA GLU A 111 -13.91 -23.94 15.09
C GLU A 111 -13.84 -22.74 14.14
N GLU A 112 -13.25 -21.66 14.61
CA GLU A 112 -13.06 -20.46 13.80
C GLU A 112 -12.17 -20.75 12.59
N THR A 113 -11.10 -21.49 12.82
CA THR A 113 -10.17 -21.87 11.77
C THR A 113 -10.86 -22.67 10.67
N ARG A 114 -11.70 -23.62 11.07
CA ARG A 114 -12.39 -24.49 10.12
C ARG A 114 -13.29 -23.70 9.18
N VAL A 115 -14.02 -22.73 9.73
CA VAL A 115 -14.88 -21.86 8.92
C VAL A 115 -14.06 -21.15 7.86
N VAL A 116 -12.91 -20.64 8.28
CA VAL A 116 -11.99 -19.94 7.40
C VAL A 116 -11.31 -20.88 6.42
N PHE A 117 -10.82 -22.00 6.93
CA PHE A 117 -10.01 -22.94 6.14
C PHE A 117 -10.81 -23.62 5.03
N ARG A 118 -12.09 -23.87 5.28
CA ARG A 118 -12.95 -24.51 4.27
C ARG A 118 -13.13 -23.61 3.06
N GLN A 119 -13.11 -22.30 3.29
CA GLN A 119 -13.20 -21.34 2.20
C GLN A 119 -11.92 -21.31 1.38
N ILE A 120 -10.79 -21.48 2.08
CA ILE A 120 -9.49 -21.56 1.42
C ILE A 120 -9.42 -22.82 0.56
N VAL A 121 -9.85 -23.94 1.13
CA VAL A 121 -9.84 -25.21 0.40
C VAL A 121 -10.74 -25.12 -0.83
N SER A 122 -11.89 -24.48 -0.68
CA SER A 122 -12.84 -24.32 -1.78
C SER A 122 -12.22 -23.57 -2.96
N ALA A 123 -11.49 -22.50 -2.66
CA ALA A 123 -10.85 -21.70 -3.70
C ALA A 123 -9.74 -22.47 -4.40
N VAL A 124 -8.83 -23.04 -3.61
CA VAL A 124 -7.67 -23.75 -4.16
C VAL A 124 -8.08 -25.01 -4.94
N ALA A 125 -9.11 -25.70 -4.46
CA ALA A 125 -9.61 -26.87 -5.17
C ALA A 125 -10.16 -26.48 -6.54
N TYR A 126 -10.84 -25.34 -6.60
CA TYR A 126 -11.35 -24.83 -7.87
C TYR A 126 -10.18 -24.44 -8.78
N VAL A 127 -9.18 -23.78 -8.20
CA VAL A 127 -7.99 -23.39 -8.94
C VAL A 127 -7.32 -24.59 -9.57
N HIS A 128 -7.17 -25.66 -8.80
CA HIS A 128 -6.54 -26.87 -9.29
C HIS A 128 -7.40 -27.59 -10.33
N SER A 129 -8.72 -27.47 -10.19
CA SER A 129 -9.63 -28.11 -11.14
C SER A 129 -9.52 -27.49 -12.52
N GLN A 130 -9.14 -26.22 -12.56
CA GLN A 130 -8.99 -25.51 -13.83
C GLN A 130 -7.56 -25.67 -14.38
N GLY A 131 -6.77 -26.51 -13.73
CA GLY A 131 -5.41 -26.79 -14.19
C GLY A 131 -4.40 -25.75 -13.77
N TYR A 132 -4.70 -25.01 -12.70
CA TYR A 132 -3.79 -23.98 -12.20
C TYR A 132 -3.21 -24.35 -10.85
N ALA A 133 -2.15 -23.64 -10.47
CA ALA A 133 -1.57 -23.74 -9.14
C ALA A 133 -1.13 -22.35 -8.71
N HIS A 134 -1.64 -21.89 -7.57
CA HIS A 134 -1.39 -20.53 -7.11
C HIS A 134 0.08 -20.26 -6.84
N ARG A 135 0.72 -21.21 -6.15
CA ARG A 135 2.17 -21.19 -5.89
C ARG A 135 2.62 -20.03 -4.99
N ASP A 136 1.68 -19.37 -4.34
CA ASP A 136 2.01 -18.26 -3.45
C ASP A 136 0.93 -18.10 -2.37
N LEU A 137 0.48 -19.23 -1.83
CA LEU A 137 -0.55 -19.21 -0.80
C LEU A 137 0.01 -18.73 0.53
N LYS A 138 -0.49 -17.59 0.98
CA LYS A 138 -0.05 -16.98 2.23
C LYS A 138 -1.18 -16.08 2.75
N PRO A 139 -1.20 -15.81 4.06
CA PRO A 139 -2.33 -15.06 4.62
C PRO A 139 -2.45 -13.62 4.10
N GLU A 140 -1.37 -13.09 3.52
CA GLU A 140 -1.41 -11.78 2.90
C GLU A 140 -2.24 -11.81 1.61
N ASN A 141 -2.32 -12.99 1.01
CA ASN A 141 -3.02 -13.14 -0.26
C ASN A 141 -4.45 -13.65 -0.08
N LEU A 142 -4.99 -13.46 1.12
CA LEU A 142 -6.37 -13.79 1.40
C LEU A 142 -7.06 -12.62 2.07
N LEU A 143 -8.10 -12.09 1.42
CA LEU A 143 -8.79 -10.92 1.94
C LEU A 143 -10.23 -11.23 2.35
N PHE A 144 -10.70 -10.56 3.39
CA PHE A 144 -12.10 -10.66 3.80
C PHE A 144 -12.93 -9.62 3.06
N ASP A 145 -14.10 -10.04 2.57
CA ASP A 145 -14.99 -9.12 1.89
C ASP A 145 -15.96 -8.47 2.88
N GLU A 146 -17.04 -7.90 2.36
CA GLU A 146 -18.03 -7.24 3.21
C GLU A 146 -18.81 -8.24 4.05
N TYR A 147 -18.96 -9.46 3.54
CA TYR A 147 -19.68 -10.51 4.24
C TYR A 147 -18.72 -11.37 5.07
N HIS A 148 -17.50 -10.86 5.25
CA HIS A 148 -16.45 -11.53 6.01
C HIS A 148 -16.12 -12.91 5.44
N LYS A 149 -16.17 -13.04 4.12
CA LYS A 149 -15.74 -14.26 3.45
C LYS A 149 -14.43 -14.03 2.71
N LEU A 150 -13.62 -15.07 2.59
CA LEU A 150 -12.28 -14.93 2.04
C LEU A 150 -12.26 -14.83 0.52
N LYS A 151 -11.32 -14.04 0.01
CA LYS A 151 -11.11 -13.89 -1.42
C LYS A 151 -9.63 -14.05 -1.73
N LEU A 152 -9.30 -15.02 -2.58
CA LEU A 152 -7.91 -15.27 -2.96
C LEU A 152 -7.43 -14.23 -3.97
N ILE A 153 -6.27 -13.63 -3.70
CA ILE A 153 -5.71 -12.62 -4.60
C ILE A 153 -4.29 -12.96 -5.03
N ASP A 154 -3.73 -12.09 -5.88
CA ASP A 154 -2.35 -12.18 -6.32
C ASP A 154 -2.04 -13.51 -7.03
N PHE A 155 -2.45 -13.60 -8.29
CA PHE A 155 -2.16 -14.76 -9.11
C PHE A 155 -0.97 -14.51 -10.03
N GLY A 156 -0.06 -13.64 -9.59
CA GLY A 156 1.08 -13.25 -10.41
C GLY A 156 2.10 -14.36 -10.58
N LEU A 157 2.13 -15.30 -9.65
CA LEU A 157 3.09 -16.39 -9.68
C LEU A 157 2.44 -17.73 -10.03
N CYS A 158 1.15 -17.69 -10.34
CA CYS A 158 0.41 -18.91 -10.65
C CYS A 158 0.88 -19.50 -11.97
N ALA A 159 0.71 -20.81 -12.11
CA ALA A 159 1.15 -21.50 -13.33
C ALA A 159 0.37 -22.78 -13.56
N LYS A 160 0.55 -23.37 -14.73
CA LYS A 160 -0.07 -24.63 -15.09
C LYS A 160 0.95 -25.75 -15.03
N PRO A 161 0.90 -26.57 -13.95
CA PRO A 161 1.83 -27.68 -13.73
C PRO A 161 1.91 -28.64 -14.91
N LYS A 162 0.80 -28.83 -15.61
CA LYS A 162 0.76 -29.73 -16.76
C LYS A 162 0.83 -28.95 -18.07
N GLY A 163 1.22 -27.68 -17.98
CA GLY A 163 1.31 -26.82 -19.15
C GLY A 163 2.75 -26.56 -19.57
N ASN A 164 2.95 -25.55 -20.40
CA ASN A 164 4.28 -25.19 -20.89
C ASN A 164 5.16 -24.63 -19.78
N LYS A 165 6.47 -24.67 -19.99
CA LYS A 165 7.43 -24.19 -19.00
C LYS A 165 7.32 -22.68 -18.81
N CYS A 173 10.49 -18.39 -5.60
CA CYS A 173 9.28 -17.79 -6.15
C CYS A 173 8.55 -16.97 -5.08
N GLY A 174 7.70 -17.65 -4.31
CA GLY A 174 6.95 -16.99 -3.25
C GLY A 174 7.74 -16.94 -1.95
N SER A 175 7.02 -16.88 -0.83
CA SER A 175 7.65 -16.83 0.48
C SER A 175 8.21 -18.20 0.86
N LEU A 176 9.44 -18.21 1.36
CA LEU A 176 10.12 -19.46 1.71
C LEU A 176 9.38 -20.24 2.79
N ALA A 177 8.83 -19.51 3.76
CA ALA A 177 8.16 -20.13 4.91
C ALA A 177 6.94 -20.95 4.50
N TYR A 178 6.41 -20.67 3.32
CA TYR A 178 5.23 -21.38 2.82
C TYR A 178 5.57 -22.28 1.65
N ALA A 179 6.85 -22.31 1.28
CA ALA A 179 7.30 -23.10 0.14
C ALA A 179 7.45 -24.58 0.48
N ALA A 180 6.91 -25.44 -0.38
CA ALA A 180 7.02 -26.88 -0.21
C ALA A 180 8.47 -27.33 -0.36
N PRO A 181 8.85 -28.39 0.36
CA PRO A 181 10.22 -28.93 0.30
C PRO A 181 10.68 -29.27 -1.11
N GLU A 182 9.74 -29.59 -2.01
CA GLU A 182 10.07 -29.91 -3.39
C GLU A 182 10.60 -28.69 -4.12
N LEU A 183 10.04 -27.52 -3.78
CA LEU A 183 10.42 -26.27 -4.41
C LEU A 183 11.84 -25.85 -3.99
N ILE A 184 12.19 -26.16 -2.74
CA ILE A 184 13.52 -25.86 -2.23
C ILE A 184 14.57 -26.76 -2.87
N GLN A 185 14.15 -27.99 -3.20
CA GLN A 185 15.04 -28.94 -3.87
C GLN A 185 15.25 -28.55 -5.34
N GLY A 186 14.35 -27.74 -5.87
CA GLY A 186 14.45 -27.30 -7.25
C GLY A 186 13.87 -28.31 -8.22
N LYS A 187 12.78 -28.95 -7.83
CA LYS A 187 12.13 -29.94 -8.67
C LYS A 187 11.03 -29.32 -9.52
N GLY A 191 3.53 -29.87 -8.72
CA GLY A 191 3.12 -28.48 -8.67
C GLY A 191 1.83 -28.28 -7.91
N SER A 192 0.89 -29.19 -8.11
CA SER A 192 -0.40 -29.11 -7.44
C SER A 192 -0.27 -29.38 -5.94
N GLU A 193 0.53 -30.37 -5.60
CA GLU A 193 0.75 -30.75 -4.21
C GLU A 193 1.49 -29.68 -3.42
N ALA A 194 2.16 -28.77 -4.13
CA ALA A 194 2.86 -27.66 -3.51
C ALA A 194 1.89 -26.75 -2.76
N ASP A 195 0.73 -26.50 -3.38
CA ASP A 195 -0.30 -25.66 -2.76
C ASP A 195 -0.90 -26.30 -1.52
N VAL A 196 -0.96 -27.64 -1.53
CA VAL A 196 -1.49 -28.38 -0.38
C VAL A 196 -0.60 -28.16 0.84
N TRP A 197 0.71 -28.22 0.62
CA TRP A 197 1.69 -27.92 1.66
C TRP A 197 1.47 -26.52 2.22
N SER A 198 1.37 -25.53 1.33
CA SER A 198 1.18 -24.14 1.73
C SER A 198 -0.10 -23.96 2.55
N MET A 199 -1.14 -24.70 2.19
CA MET A 199 -2.38 -24.67 2.95
C MET A 199 -2.16 -25.28 4.32
N GLY A 200 -1.28 -26.27 4.38
CA GLY A 200 -0.90 -26.88 5.64
C GLY A 200 -0.20 -25.89 6.55
N ILE A 201 0.66 -25.05 5.96
CA ILE A 201 1.31 -23.98 6.72
C ILE A 201 0.26 -22.98 7.20
N LEU A 202 -0.66 -22.63 6.31
CA LEU A 202 -1.76 -21.74 6.63
C LEU A 202 -2.60 -22.27 7.80
N LEU A 203 -2.88 -23.56 7.77
CA LEU A 203 -3.67 -24.21 8.82
C LEU A 203 -2.99 -24.08 10.16
N TYR A 204 -1.67 -24.29 10.17
CA TYR A 204 -0.88 -24.20 11.40
C TYR A 204 -0.90 -22.78 11.97
N VAL A 205 -0.66 -21.80 11.11
CA VAL A 205 -0.61 -20.40 11.55
C VAL A 205 -1.97 -19.97 12.12
N LEU A 206 -3.05 -20.37 11.45
CA LEU A 206 -4.40 -20.03 11.88
C LEU A 206 -4.67 -20.48 13.32
N MET A 207 -4.23 -21.69 13.66
CA MET A 207 -4.53 -22.26 14.97
C MET A 207 -3.43 -22.01 16.00
N CYS A 208 -2.26 -21.59 15.55
CA CYS A 208 -1.14 -21.35 16.47
C CYS A 208 -0.75 -19.89 16.57
N GLY A 209 -0.88 -19.16 15.46
CA GLY A 209 -0.53 -17.75 15.45
C GLY A 209 0.92 -17.53 15.08
N PHE A 210 1.64 -18.61 14.81
CA PHE A 210 3.03 -18.53 14.39
C PHE A 210 3.36 -19.64 13.39
N LEU A 211 4.50 -19.51 12.71
CA LEU A 211 4.89 -20.46 11.68
C LEU A 211 5.44 -21.75 12.25
N PRO A 212 5.18 -22.88 11.57
CA PRO A 212 5.75 -24.16 12.00
C PRO A 212 7.25 -24.19 11.71
N PHE A 213 7.65 -23.53 10.63
CA PHE A 213 9.06 -23.42 10.27
C PHE A 213 9.45 -21.95 10.16
N ASP A 214 10.30 -21.50 11.07
CA ASP A 214 10.75 -20.11 11.07
C ASP A 214 12.15 -20.01 11.69
N ASP A 215 12.95 -19.08 11.18
CA ASP A 215 14.30 -18.88 11.68
C ASP A 215 14.89 -17.56 11.19
N ASP A 216 15.90 -17.06 11.90
CA ASP A 216 16.61 -15.85 11.49
C ASP A 216 17.45 -16.11 10.24
N ASN A 217 18.09 -17.27 10.21
CA ASN A 217 18.96 -17.64 9.09
C ASN A 217 18.17 -18.34 7.97
N VAL A 218 18.46 -17.96 6.73
CA VAL A 218 17.76 -18.52 5.58
C VAL A 218 18.02 -20.03 5.42
N MET A 219 19.29 -20.42 5.47
CA MET A 219 19.66 -21.83 5.33
C MET A 219 19.05 -22.66 6.46
N ALA A 220 19.02 -22.09 7.66
CA ALA A 220 18.42 -22.78 8.79
C ALA A 220 16.93 -23.00 8.57
N LEU A 221 16.28 -22.01 7.96
CA LEU A 221 14.85 -22.10 7.66
C LEU A 221 14.55 -23.17 6.63
N TYR A 222 15.25 -23.11 5.50
CA TYR A 222 15.04 -24.07 4.43
C TYR A 222 15.37 -25.50 4.89
N LYS A 223 16.29 -25.61 5.84
CA LYS A 223 16.65 -26.91 6.38
C LYS A 223 15.57 -27.46 7.31
N LYS A 224 14.92 -26.57 8.06
CA LYS A 224 13.81 -26.94 8.93
C LYS A 224 12.64 -27.45 8.11
N ILE A 225 12.41 -26.83 6.97
CA ILE A 225 11.31 -27.18 6.09
C ILE A 225 11.50 -28.58 5.50
N MET A 226 12.70 -28.85 5.00
CA MET A 226 12.98 -30.12 4.35
C MET A 226 13.02 -31.27 5.36
N ARG A 227 13.28 -30.97 6.62
CA ARG A 227 13.18 -31.98 7.67
C ARG A 227 11.73 -32.30 7.96
N GLY A 228 10.89 -31.25 8.02
CA GLY A 228 9.47 -31.42 8.24
C GLY A 228 9.09 -31.59 9.69
N LYS A 229 10.03 -31.28 10.59
CA LYS A 229 9.76 -31.36 12.02
C LYS A 229 9.32 -30.00 12.56
N TYR A 230 8.20 -30.00 13.27
CA TYR A 230 7.66 -28.77 13.84
C TYR A 230 7.05 -29.01 15.21
N ASP A 231 7.00 -27.94 16.02
CA ASP A 231 6.42 -28.02 17.35
C ASP A 231 4.91 -28.19 17.27
N VAL A 232 4.36 -29.00 18.17
CA VAL A 232 2.92 -29.19 18.25
C VAL A 232 2.40 -28.69 19.59
N PRO A 233 1.86 -27.47 19.61
CA PRO A 233 1.34 -26.84 20.83
C PRO A 233 0.26 -27.67 21.51
N LYS A 234 0.13 -27.51 22.83
CA LYS A 234 -0.76 -28.33 23.62
C LYS A 234 -2.23 -28.03 23.36
N TRP A 235 -2.53 -26.84 22.84
CA TRP A 235 -3.91 -26.44 22.62
C TRP A 235 -4.47 -27.06 21.34
N LEU A 236 -3.61 -27.70 20.56
CA LEU A 236 -4.05 -28.38 19.35
C LEU A 236 -4.69 -29.71 19.68
N SER A 237 -5.87 -29.95 19.11
CA SER A 237 -6.56 -31.22 19.27
C SER A 237 -5.90 -32.29 18.39
N PRO A 238 -6.01 -33.57 18.79
CA PRO A 238 -5.47 -34.68 18.00
C PRO A 238 -5.97 -34.70 16.56
N SER A 239 -7.21 -34.24 16.35
CA SER A 239 -7.75 -34.17 15.00
C SER A 239 -6.98 -33.18 14.15
N SER A 240 -6.72 -32.00 14.71
CA SER A 240 -5.91 -30.99 14.03
C SER A 240 -4.50 -31.50 13.78
N ILE A 241 -3.96 -32.23 14.76
CA ILE A 241 -2.62 -32.78 14.66
C ILE A 241 -2.50 -33.78 13.50
N LEU A 242 -3.51 -34.62 13.36
CA LEU A 242 -3.54 -35.62 12.27
C LEU A 242 -3.57 -34.96 10.90
N LEU A 243 -4.45 -33.98 10.73
CA LEU A 243 -4.61 -33.31 9.44
C LEU A 243 -3.33 -32.56 9.07
N LEU A 244 -2.73 -31.89 10.05
CA LEU A 244 -1.47 -31.17 9.83
C LEU A 244 -0.39 -32.11 9.30
N GLN A 245 -0.29 -33.31 9.89
CA GLN A 245 0.67 -34.30 9.43
C GLN A 245 0.44 -34.70 7.97
N GLN A 246 -0.83 -34.89 7.62
CA GLN A 246 -1.18 -35.34 6.27
C GLN A 246 -0.90 -34.27 5.23
N MET A 247 -1.04 -33.00 5.62
CA MET A 247 -0.81 -31.90 4.69
C MET A 247 0.67 -31.54 4.62
N LEU A 248 1.35 -31.62 5.76
CA LEU A 248 2.76 -31.24 5.83
C LEU A 248 3.68 -32.44 5.69
N GLN A 249 3.39 -33.31 4.71
CA GLN A 249 4.29 -34.40 4.36
C GLN A 249 5.39 -33.87 3.44
N VAL A 250 6.65 -34.09 3.82
CA VAL A 250 7.77 -33.63 3.02
C VAL A 250 7.78 -34.31 1.65
N ASP A 251 7.29 -35.53 1.59
CA ASP A 251 7.15 -36.26 0.33
C ASP A 251 5.82 -35.91 -0.32
N PRO A 252 5.87 -35.24 -1.49
CA PRO A 252 4.67 -34.81 -2.21
C PRO A 252 3.75 -35.98 -2.57
N LYS A 253 4.32 -37.15 -2.82
CA LYS A 253 3.52 -38.32 -3.16
C LYS A 253 2.78 -38.87 -1.94
N LYS A 254 3.33 -38.61 -0.76
CA LYS A 254 2.73 -39.07 0.48
C LYS A 254 1.76 -38.04 1.05
N ARG A 255 1.80 -36.83 0.50
CA ARG A 255 0.97 -35.73 0.96
C ARG A 255 -0.49 -35.97 0.55
N ILE A 256 -1.42 -35.56 1.43
CA ILE A 256 -2.83 -35.77 1.18
C ILE A 256 -3.28 -35.07 -0.10
N SER A 257 -4.12 -35.74 -0.88
CA SER A 257 -4.62 -35.18 -2.12
C SER A 257 -5.76 -34.21 -1.85
N MET A 258 -6.05 -33.37 -2.83
CA MET A 258 -7.16 -32.42 -2.72
C MET A 258 -8.48 -33.15 -2.52
N LYS A 259 -8.64 -34.28 -3.19
CA LYS A 259 -9.87 -35.07 -3.11
C LYS A 259 -10.15 -35.55 -1.69
N ASN A 260 -9.12 -36.07 -1.03
CA ASN A 260 -9.28 -36.57 0.34
C ASN A 260 -9.37 -35.44 1.36
N LEU A 261 -8.95 -34.25 0.96
CA LEU A 261 -9.02 -33.08 1.84
C LEU A 261 -10.43 -32.52 1.89
N LEU A 262 -11.13 -32.59 0.76
CA LEU A 262 -12.47 -32.04 0.62
C LEU A 262 -13.46 -32.65 1.61
N ASN A 263 -13.32 -33.96 1.85
CA ASN A 263 -14.20 -34.67 2.77
C ASN A 263 -13.44 -35.28 3.94
N HIS A 264 -12.36 -34.63 4.35
CA HIS A 264 -11.56 -35.07 5.48
C HIS A 264 -12.34 -34.92 6.78
N PRO A 265 -12.22 -35.90 7.70
CA PRO A 265 -12.93 -35.89 8.99
C PRO A 265 -12.83 -34.57 9.74
N TRP A 266 -11.64 -33.97 9.78
CA TRP A 266 -11.45 -32.67 10.42
C TRP A 266 -12.29 -31.60 9.72
N ILE A 267 -12.23 -31.61 8.39
CA ILE A 267 -13.02 -30.71 7.55
C ILE A 267 -14.52 -30.94 7.75
N MET A 268 -14.90 -32.23 7.82
CA MET A 268 -16.30 -32.61 7.94
C MET A 268 -16.91 -32.28 9.31
N GLN A 269 -16.05 -31.96 10.27
CA GLN A 269 -16.51 -31.68 11.64
C GLN A 269 -17.44 -30.46 11.68
N ASP A 270 -18.53 -30.60 12.43
CA ASP A 270 -19.51 -29.53 12.65
C ASP A 270 -20.24 -29.11 11.36
N TYR A 271 -19.94 -29.79 10.26
CA TYR A 271 -20.60 -29.49 8.98
C TYR A 271 -21.31 -30.74 8.44
N ASN A 272 -20.60 -31.86 8.49
CA ASN A 272 -21.10 -33.15 8.02
C ASN A 272 -21.43 -33.17 6.53
N TYR A 273 -20.75 -32.30 5.77
CA TYR A 273 -20.82 -32.34 4.31
C TYR A 273 -19.53 -31.77 3.72
N PRO A 274 -19.05 -32.36 2.62
CA PRO A 274 -17.78 -31.98 1.99
C PRO A 274 -17.75 -30.51 1.57
N VAL A 275 -16.54 -29.98 1.34
CA VAL A 275 -16.38 -28.61 0.91
C VAL A 275 -16.95 -28.38 -0.49
N GLU A 276 -17.86 -27.41 -0.61
CA GLU A 276 -18.41 -27.04 -1.91
C GLU A 276 -17.41 -26.19 -2.69
N TRP A 277 -16.58 -26.84 -3.49
CA TRP A 277 -15.53 -26.15 -4.24
C TRP A 277 -16.03 -25.69 -5.59
N GLN A 278 -17.15 -26.24 -6.03
CA GLN A 278 -17.73 -25.90 -7.32
C GLN A 278 -18.06 -24.42 -7.40
N SER A 279 -17.74 -23.80 -8.53
CA SER A 279 -17.98 -22.38 -8.72
C SER A 279 -19.46 -22.06 -8.84
N LYS A 280 -19.91 -21.06 -8.09
CA LYS A 280 -21.29 -20.58 -8.17
C LYS A 280 -21.35 -19.34 -9.03
N ASN A 281 -20.21 -19.02 -9.65
CA ASN A 281 -20.07 -17.86 -10.52
C ASN A 281 -19.76 -18.29 -11.95
N PRO A 282 -20.82 -18.50 -12.75
CA PRO A 282 -20.70 -19.11 -14.08
C PRO A 282 -20.30 -18.16 -15.21
N PHE A 283 -19.84 -18.73 -16.31
CA PHE A 283 -19.57 -17.96 -17.53
C PHE A 283 -20.74 -18.08 -18.51
N ILE A 284 -21.40 -19.24 -18.48
CA ILE A 284 -22.48 -19.54 -19.41
C ILE A 284 -23.79 -18.85 -19.03
N HIS A 285 -24.31 -19.18 -17.85
CA HIS A 285 -25.58 -18.64 -17.40
C HIS A 285 -25.51 -17.15 -17.07
N LEU A 286 -26.38 -16.37 -17.71
CA LEU A 286 -26.49 -14.95 -17.43
C LEU A 286 -27.75 -14.66 -16.63
N ASP A 287 -27.76 -13.55 -15.91
CA ASP A 287 -28.92 -13.19 -15.09
C ASP A 287 -29.96 -12.45 -15.92
N ASP A 288 -31.24 -12.74 -15.64
CA ASP A 288 -32.34 -12.15 -16.40
C ASP A 288 -32.54 -10.68 -16.06
N ASP A 289 -32.56 -10.36 -14.78
CA ASP A 289 -32.77 -8.99 -14.32
C ASP A 289 -31.65 -8.06 -14.77
N CYS A 290 -30.42 -8.56 -14.69
CA CYS A 290 -29.25 -7.77 -15.09
C CYS A 290 -29.25 -7.52 -16.59
N VAL A 291 -29.63 -8.52 -17.36
CA VAL A 291 -29.70 -8.41 -18.81
C VAL A 291 -30.82 -7.46 -19.21
N THR A 292 -31.97 -7.60 -18.55
CA THR A 292 -33.14 -6.78 -18.85
C THR A 292 -32.86 -5.30 -18.57
N GLU A 293 -32.23 -4.64 -19.53
CA GLU A 293 -31.95 -3.20 -19.42
C GLU A 293 -31.55 -2.63 -20.79
N LEU A 294 -31.78 -1.33 -20.96
CA LEU A 294 -31.34 -0.59 -22.14
C LEU A 294 -31.87 -1.20 -23.44
N ARG A 302 -32.59 -8.26 -26.25
CA ARG A 302 -32.23 -9.30 -25.29
C ARG A 302 -31.15 -10.22 -25.86
N GLN A 303 -31.45 -10.83 -27.00
CA GLN A 303 -30.51 -11.75 -27.65
C GLN A 303 -29.22 -11.02 -28.06
N THR A 304 -29.37 -9.77 -28.47
CA THR A 304 -28.22 -8.96 -28.85
C THR A 304 -27.41 -8.58 -27.62
N MET A 305 -28.11 -8.28 -26.52
CA MET A 305 -27.46 -7.89 -25.28
C MET A 305 -26.73 -9.07 -24.63
N GLU A 306 -27.36 -10.24 -24.64
CA GLU A 306 -26.76 -11.43 -24.05
C GLU A 306 -25.54 -11.90 -24.84
N ASP A 307 -25.55 -11.66 -26.14
CA ASP A 307 -24.45 -12.06 -27.01
C ASP A 307 -23.19 -11.24 -26.69
N LEU A 308 -23.39 -9.99 -26.31
CA LEU A 308 -22.28 -9.09 -25.99
C LEU A 308 -21.63 -9.44 -24.67
N ILE A 309 -22.45 -9.83 -23.70
CA ILE A 309 -21.95 -10.18 -22.37
C ILE A 309 -21.16 -11.48 -22.40
N SER A 310 -21.61 -12.44 -23.20
CA SER A 310 -21.01 -13.77 -23.26
C SER A 310 -19.61 -13.76 -23.88
N LEU A 311 -19.25 -12.65 -24.51
CA LEU A 311 -17.91 -12.52 -25.10
C LEU A 311 -16.83 -12.39 -24.04
N TRP A 312 -17.20 -11.74 -22.93
CA TRP A 312 -16.30 -11.53 -21.79
C TRP A 312 -14.96 -10.93 -22.21
N GLN A 313 -14.99 -9.72 -22.75
CA GLN A 313 -13.78 -9.03 -23.16
C GLN A 313 -13.10 -8.34 -21.98
N TYR A 314 -13.78 -8.39 -20.83
CA TYR A 314 -13.35 -7.72 -19.61
C TYR A 314 -13.15 -6.23 -19.86
N ASP A 315 -14.10 -5.64 -20.57
CA ASP A 315 -14.15 -4.20 -20.78
C ASP A 315 -15.12 -3.58 -19.80
N HIS A 316 -15.72 -2.45 -20.17
CA HIS A 316 -16.66 -1.78 -19.29
C HIS A 316 -17.97 -2.57 -19.18
N LEU A 317 -18.31 -3.30 -20.23
CA LEU A 317 -19.53 -4.11 -20.25
C LEU A 317 -19.44 -5.26 -19.25
N THR A 318 -18.32 -5.97 -19.25
CA THR A 318 -18.10 -7.08 -18.32
C THR A 318 -18.13 -6.57 -16.89
N ALA A 319 -17.49 -5.44 -16.66
CA ALA A 319 -17.46 -4.82 -15.35
C ALA A 319 -18.86 -4.43 -14.90
N THR A 320 -19.60 -3.79 -15.81
CA THR A 320 -20.95 -3.32 -15.52
C THR A 320 -21.88 -4.47 -15.15
N TYR A 321 -21.84 -5.54 -15.93
CA TYR A 321 -22.71 -6.70 -15.70
C TYR A 321 -22.40 -7.40 -14.37
N LEU A 322 -21.12 -7.71 -14.16
CA LEU A 322 -20.70 -8.43 -12.96
C LEU A 322 -20.99 -7.62 -11.70
N LEU A 323 -20.88 -6.30 -11.80
CA LEU A 323 -21.17 -5.43 -10.67
C LEU A 323 -22.68 -5.25 -10.51
N LEU A 324 -23.40 -5.38 -11.62
CA LEU A 324 -24.86 -5.33 -11.58
C LEU A 324 -25.39 -6.62 -10.96
N LEU A 325 -24.68 -7.72 -11.21
CA LEU A 325 -25.02 -9.01 -10.62
C LEU A 325 -24.66 -9.02 -9.14
N ALA A 326 -23.54 -8.38 -8.81
CA ALA A 326 -23.12 -8.24 -7.42
C ALA A 326 -24.08 -7.33 -6.67
N LYS A 327 -24.58 -6.31 -7.35
CA LYS A 327 -25.56 -5.40 -6.77
C LYS A 327 -26.88 -6.14 -6.55
N LYS A 328 -27.17 -7.11 -7.41
CA LYS A 328 -28.37 -7.92 -7.28
C LYS A 328 -28.22 -8.93 -6.15
N ALA A 329 -27.04 -9.54 -6.06
CA ALA A 329 -26.76 -10.50 -5.00
C ALA A 329 -26.74 -9.83 -3.63
N ARG A 330 -26.47 -8.54 -3.63
CA ARG A 330 -26.47 -7.75 -2.41
C ARG A 330 -27.89 -7.53 -1.91
N GLY A 331 -28.84 -7.55 -2.83
CA GLY A 331 -30.24 -7.30 -2.51
C GLY A 331 -30.67 -5.93 -3.01
N LYS A 332 -29.69 -5.12 -3.40
CA LYS A 332 -29.95 -3.79 -3.93
C LYS A 332 -30.66 -3.87 -5.27
N PRO A 333 -31.52 -2.88 -5.57
CA PRO A 333 -32.27 -2.82 -6.83
C PRO A 333 -31.38 -2.90 -8.07
N VAL A 334 -31.71 -3.80 -8.98
CA VAL A 334 -30.96 -3.96 -10.22
C VAL A 334 -31.21 -2.78 -11.15
N ARG A 335 -30.47 -1.69 -10.93
CA ARG A 335 -30.64 -0.48 -11.71
C ARG A 335 -29.31 0.22 -11.99
N LEU A 336 -29.34 1.19 -12.90
CA LEU A 336 -28.14 1.94 -13.26
C LEU A 336 -28.35 3.44 -13.08
N ARG A 337 -27.55 4.05 -12.21
CA ARG A 337 -27.66 5.48 -11.94
C ARG A 337 -27.15 6.30 -13.13
N PRO B 1 11.48 -13.15 -0.78
CA PRO B 1 11.13 -12.93 0.62
C PRO B 1 11.08 -14.23 1.43
N LEU B 2 11.25 -14.12 2.74
CA LEU B 2 11.25 -15.28 3.62
C LEU B 2 9.86 -15.57 4.17
N GLY B 3 9.11 -14.51 4.48
CA GLY B 3 7.79 -14.65 5.06
C GLY B 3 7.87 -14.95 6.55
N SER B 4 9.03 -14.64 7.13
CA SER B 4 9.27 -14.89 8.55
C SER B 4 8.43 -13.97 9.43
N MET B 5 7.84 -14.54 10.48
CA MET B 5 7.05 -13.77 11.43
C MET B 5 7.88 -13.39 12.64
N LYS B 6 9.11 -13.90 12.70
CA LYS B 6 10.00 -13.61 13.82
C LYS B 6 10.69 -12.26 13.66
N ASP B 7 10.58 -11.67 12.48
CA ASP B 7 11.17 -10.34 12.25
C ASP B 7 10.36 -9.26 12.96
N TYR B 8 9.14 -9.60 13.36
CA TYR B 8 8.25 -8.65 14.03
C TYR B 8 8.36 -8.75 15.54
N ASP B 9 9.21 -9.66 16.03
CA ASP B 9 9.36 -9.90 17.45
C ASP B 9 9.79 -8.65 18.22
N GLU B 10 10.88 -8.04 17.80
CA GLU B 10 11.38 -6.85 18.46
C GLU B 10 10.44 -5.66 18.24
N LEU B 11 9.76 -5.67 17.10
CA LEU B 11 8.81 -4.60 16.77
C LEU B 11 7.58 -4.65 17.67
N LEU B 12 7.07 -5.85 17.93
CA LEU B 12 5.86 -6.01 18.72
C LEU B 12 6.10 -5.77 20.21
N LYS B 13 7.36 -5.52 20.58
CA LYS B 13 7.68 -5.14 21.95
C LYS B 13 7.34 -3.69 22.21
N TYR B 14 7.24 -2.90 21.13
CA TYR B 14 7.01 -1.47 21.27
C TYR B 14 5.75 -1.00 20.54
N TYR B 15 5.29 -1.80 19.57
CA TYR B 15 4.15 -1.39 18.74
C TYR B 15 3.13 -2.51 18.57
N GLU B 16 1.86 -2.13 18.52
CA GLU B 16 0.79 -3.05 18.16
C GLU B 16 0.45 -2.88 16.69
N LEU B 17 0.64 -3.93 15.90
CA LEU B 17 0.41 -3.87 14.46
C LEU B 17 -1.06 -3.86 14.10
N HIS B 18 -1.40 -3.04 13.10
CA HIS B 18 -2.74 -3.04 12.53
C HIS B 18 -2.68 -3.33 11.04
N GLU B 19 -3.67 -2.84 10.29
CA GLU B 19 -3.81 -3.19 8.88
C GLU B 19 -2.88 -2.39 7.97
N THR B 20 -2.70 -2.89 6.75
CA THR B 20 -1.92 -2.20 5.73
C THR B 20 -2.66 -0.96 5.24
N ILE B 21 -1.94 0.15 5.12
CA ILE B 21 -2.57 1.41 4.75
C ILE B 21 -1.91 2.07 3.54
N GLY B 22 -0.62 1.85 3.35
CA GLY B 22 0.12 2.56 2.33
C GLY B 22 0.65 1.68 1.21
N THR B 23 1.26 2.34 0.22
CA THR B 23 1.80 1.64 -0.95
C THR B 23 3.32 1.70 -0.95
N GLY B 24 3.91 1.30 -2.08
CA GLY B 24 5.35 1.31 -2.23
C GLY B 24 5.82 0.59 -3.48
N ALA B 27 8.04 -1.11 -0.76
CA ALA B 27 7.92 -1.24 0.69
C ALA B 27 6.46 -1.21 1.13
N LYS B 28 6.16 -1.95 2.19
CA LYS B 28 4.81 -2.03 2.71
C LYS B 28 4.64 -1.12 3.92
N VAL B 29 3.52 -0.41 3.98
CA VAL B 29 3.25 0.51 5.07
C VAL B 29 2.08 0.02 5.92
N LYS B 30 2.33 -0.15 7.22
CA LYS B 30 1.31 -0.66 8.12
C LYS B 30 0.97 0.35 9.21
N LEU B 31 -0.31 0.43 9.54
CA LEU B 31 -0.76 1.23 10.68
C LEU B 31 -0.38 0.52 11.96
N ALA B 32 0.07 1.28 12.96
CA ALA B 32 0.45 0.69 14.23
C ALA B 32 0.17 1.64 15.38
N CYS B 33 0.16 1.10 16.59
CA CYS B 33 -0.03 1.89 17.79
C CYS B 33 1.15 1.75 18.74
N HIS B 34 1.80 2.87 19.04
CA HIS B 34 2.88 2.90 20.01
C HIS B 34 2.32 2.59 21.39
N ILE B 35 2.77 1.49 21.98
CA ILE B 35 2.18 0.97 23.20
C ILE B 35 2.27 1.94 24.38
N LEU B 36 3.43 2.52 24.61
CA LEU B 36 3.64 3.38 25.77
C LEU B 36 2.80 4.65 25.75
N THR B 37 2.69 5.27 24.58
CA THR B 37 1.97 6.53 24.44
C THR B 37 0.52 6.33 24.02
N GLY B 38 0.26 5.27 23.26
CA GLY B 38 -1.06 5.04 22.71
C GLY B 38 -1.26 5.78 21.40
N GLU B 39 -0.20 6.46 20.96
CA GLU B 39 -0.25 7.24 19.73
C GLU B 39 -0.14 6.36 18.49
N MET B 40 -0.99 6.61 17.50
CA MET B 40 -0.97 5.87 16.26
C MET B 40 0.24 6.29 15.42
N VAL B 41 0.82 5.33 14.70
CA VAL B 41 1.97 5.60 13.83
C VAL B 41 1.86 4.81 12.54
N ALA B 42 2.68 5.20 11.56
CA ALA B 42 2.79 4.45 10.32
C ALA B 42 4.17 3.80 10.25
N ILE B 43 4.20 2.50 9.98
CA ILE B 43 5.47 1.77 9.93
C ILE B 43 5.75 1.24 8.54
N LYS B 44 6.76 1.79 7.89
CA LYS B 44 7.18 1.32 6.58
C LYS B 44 8.11 0.12 6.74
N ILE B 45 7.73 -1.01 6.13
CA ILE B 45 8.48 -2.24 6.27
C ILE B 45 9.23 -2.57 4.98
N MET B 46 10.55 -2.62 5.06
CA MET B 46 11.37 -2.94 3.90
C MET B 46 12.02 -4.31 4.06
N ASP B 47 11.72 -5.21 3.13
CA ASP B 47 12.31 -6.54 3.14
C ASP B 47 13.69 -6.50 2.49
N LYS B 48 14.72 -6.79 3.28
CA LYS B 48 16.10 -6.69 2.82
C LYS B 48 16.45 -7.81 1.83
N ASN B 49 15.58 -8.80 1.71
CA ASN B 49 15.80 -9.92 0.80
C ASN B 49 14.99 -9.78 -0.47
N THR B 50 14.06 -8.83 -0.48
CA THR B 50 13.21 -8.59 -1.65
C THR B 50 13.89 -7.67 -2.66
N SER B 53 15.12 -4.36 -2.11
CA SER B 53 15.18 -3.54 -3.32
C SER B 53 15.53 -2.10 -3.01
N ASP B 54 16.53 -1.57 -3.70
CA ASP B 54 16.99 -0.19 -3.52
C ASP B 54 17.36 0.10 -2.07
N LEU B 55 18.33 -0.65 -1.56
CA LEU B 55 18.80 -0.47 -0.18
C LEU B 55 19.43 0.91 0.09
N PRO B 56 20.28 1.42 -0.82
CA PRO B 56 20.82 2.75 -0.52
C PRO B 56 19.78 3.86 -0.65
N ARG B 57 18.68 3.58 -1.34
CA ARG B 57 17.61 4.55 -1.51
C ARG B 57 16.89 4.81 -0.19
N ILE B 58 16.62 3.75 0.55
CA ILE B 58 15.93 3.88 1.83
C ILE B 58 16.91 4.36 2.90
N LYS B 59 18.20 4.10 2.68
CA LYS B 59 19.24 4.57 3.59
C LYS B 59 19.42 6.08 3.44
N THR B 60 19.15 6.58 2.24
CA THR B 60 19.22 8.01 1.96
C THR B 60 18.11 8.75 2.69
N GLU B 61 16.91 8.16 2.68
CA GLU B 61 15.77 8.75 3.35
C GLU B 61 15.97 8.81 4.87
N ILE B 62 16.47 7.72 5.43
CA ILE B 62 16.71 7.63 6.87
C ILE B 62 17.70 8.69 7.34
N GLU B 63 18.80 8.82 6.62
CA GLU B 63 19.84 9.80 6.97
C GLU B 63 19.29 11.22 6.90
N ALA B 64 18.46 11.48 5.89
CA ALA B 64 17.84 12.80 5.73
C ALA B 64 16.86 13.08 6.86
N LEU B 65 15.93 12.16 7.09
CA LEU B 65 14.89 12.34 8.09
C LEU B 65 15.45 12.42 9.52
N LYS B 66 16.65 11.88 9.71
CA LYS B 66 17.32 11.97 11.00
C LYS B 66 17.81 13.39 11.27
N ASN B 67 18.10 14.12 10.20
CA ASN B 67 18.60 15.49 10.31
C ASN B 67 17.52 16.53 10.08
N LEU B 68 16.41 16.11 9.47
CA LEU B 68 15.31 17.02 9.18
C LEU B 68 14.18 16.85 10.19
N ARG B 69 13.71 17.97 10.72
CA ARG B 69 12.61 17.96 11.69
C ARG B 69 11.76 19.21 11.51
N HIS B 70 10.59 19.04 10.88
CA HIS B 70 9.76 20.17 10.50
C HIS B 70 8.28 19.83 10.64
N GLN B 71 7.46 20.84 10.92
CA GLN B 71 6.03 20.64 11.13
C GLN B 71 5.29 20.24 9.86
N HIS B 72 5.95 20.36 8.72
CA HIS B 72 5.36 19.95 7.45
C HIS B 72 6.18 18.86 6.78
N ILE B 73 7.01 18.19 7.56
CA ILE B 73 7.74 17.02 7.10
C ILE B 73 7.35 15.82 7.94
N CYS B 74 6.92 14.75 7.28
CA CYS B 74 6.54 13.51 7.98
C CYS B 74 7.68 13.04 8.87
N GLN B 75 7.41 13.03 10.18
CA GLN B 75 8.46 12.80 11.18
C GLN B 75 8.87 11.34 11.29
N LEU B 76 10.17 11.11 11.38
CA LEU B 76 10.72 9.79 11.67
C LEU B 76 10.92 9.62 13.17
N TYR B 77 10.32 8.59 13.75
CA TYR B 77 10.38 8.38 15.18
C TYR B 77 11.39 7.30 15.57
N HIS B 78 11.37 6.20 14.83
CA HIS B 78 12.11 5.00 15.23
C HIS B 78 12.61 4.22 14.02
N VAL B 79 13.88 3.83 14.07
CA VAL B 79 14.46 2.97 13.03
C VAL B 79 14.88 1.64 13.65
N LEU B 80 14.21 0.57 13.25
CA LEU B 80 14.52 -0.76 13.75
C LEU B 80 14.93 -1.70 12.62
N GLU B 81 16.12 -2.27 12.73
CA GLU B 81 16.62 -3.17 11.70
C GLU B 81 16.89 -4.56 12.25
N THR B 82 16.27 -5.56 11.63
CA THR B 82 16.48 -6.95 12.00
C THR B 82 17.42 -7.62 11.00
N ALA B 83 17.39 -8.94 10.95
CA ALA B 83 18.26 -9.69 10.06
C ALA B 83 17.77 -9.62 8.61
N ASN B 84 16.46 -9.50 8.44
CA ASN B 84 15.88 -9.54 7.10
C ASN B 84 14.98 -8.35 6.79
N LYS B 85 14.78 -7.48 7.78
CA LYS B 85 13.88 -6.35 7.59
C LYS B 85 14.41 -5.05 8.19
N ILE B 86 13.96 -3.95 7.61
CA ILE B 86 14.21 -2.61 8.17
C ILE B 86 12.87 -1.95 8.44
N PHE B 87 12.70 -1.42 9.64
CA PHE B 87 11.44 -0.80 10.02
C PHE B 87 11.60 0.70 10.22
N MET B 88 10.73 1.48 9.59
CA MET B 88 10.70 2.93 9.80
C MET B 88 9.35 3.34 10.39
N VAL B 89 9.37 3.75 11.66
CA VAL B 89 8.18 4.25 12.31
C VAL B 89 8.01 5.74 12.00
N LEU B 90 6.93 6.07 11.30
CA LEU B 90 6.74 7.43 10.79
C LEU B 90 5.46 8.07 11.29
N GLU B 91 5.35 9.38 11.11
CA GLU B 91 4.17 10.14 11.48
C GLU B 91 2.95 9.67 10.68
N TYR B 92 1.88 9.34 11.37
CA TYR B 92 0.68 8.82 10.74
C TYR B 92 -0.17 9.94 10.13
N CYS B 93 -0.39 9.86 8.82
CA CYS B 93 -1.13 10.89 8.09
C CYS B 93 -2.38 10.31 7.44
N PRO B 94 -3.50 10.27 8.18
CA PRO B 94 -4.73 9.61 7.72
C PRO B 94 -5.51 10.42 6.68
N GLY B 95 -5.06 11.63 6.38
CA GLY B 95 -5.75 12.48 5.43
C GLY B 95 -5.60 12.03 3.99
N GLY B 96 -4.55 11.26 3.72
CA GLY B 96 -4.32 10.73 2.38
C GLY B 96 -3.44 11.62 1.53
N GLU B 97 -3.19 11.18 0.30
CA GLU B 97 -2.31 11.90 -0.61
C GLU B 97 -2.96 13.17 -1.15
N LEU B 98 -2.14 14.18 -1.42
CA LEU B 98 -2.63 15.39 -2.06
C LEU B 98 -3.18 15.07 -3.44
N PHE B 99 -2.62 14.05 -4.07
CA PHE B 99 -3.06 13.60 -5.38
C PHE B 99 -4.52 13.18 -5.37
N ASP B 100 -4.97 12.59 -4.27
CA ASP B 100 -6.34 12.12 -4.15
C ASP B 100 -7.31 13.28 -3.97
N TYR B 101 -6.79 14.44 -3.55
CA TYR B 101 -7.62 15.63 -3.36
C TYR B 101 -7.73 16.45 -4.64
N ILE B 102 -6.79 16.22 -5.57
CA ILE B 102 -6.79 16.94 -6.83
C ILE B 102 -7.87 16.40 -7.77
N ILE B 103 -7.96 15.08 -7.85
CA ILE B 103 -8.94 14.42 -8.71
C ILE B 103 -10.36 14.55 -8.14
N SER B 104 -10.48 14.35 -6.82
CA SER B 104 -11.78 14.36 -6.16
C SER B 104 -12.44 15.74 -6.22
N GLN B 105 -11.69 16.78 -5.89
CA GLN B 105 -12.24 18.14 -5.86
C GLN B 105 -12.38 18.74 -7.25
N ASP B 106 -11.63 18.20 -8.21
CA ASP B 106 -11.60 18.71 -9.57
C ASP B 106 -11.24 20.20 -9.60
N ARG B 107 -9.94 20.48 -9.56
CA ARG B 107 -9.40 21.85 -9.59
C ARG B 107 -9.76 22.64 -8.33
N LEU B 108 -8.74 23.03 -7.57
CA LEU B 108 -8.92 23.85 -6.38
C LEU B 108 -8.96 25.33 -6.74
N SER B 109 -9.65 26.11 -5.92
CA SER B 109 -9.69 27.56 -6.10
C SER B 109 -8.36 28.18 -5.70
N GLU B 110 -8.14 29.43 -6.10
CA GLU B 110 -6.91 30.13 -5.78
C GLU B 110 -6.71 30.27 -4.28
N GLU B 111 -7.79 30.55 -3.57
CA GLU B 111 -7.76 30.70 -2.12
C GLU B 111 -7.37 29.39 -1.44
N GLU B 112 -8.00 28.30 -1.87
CA GLU B 112 -7.72 26.97 -1.31
C GLU B 112 -6.31 26.52 -1.66
N THR B 113 -5.90 26.80 -2.89
CA THR B 113 -4.55 26.44 -3.36
C THR B 113 -3.48 27.13 -2.51
N ARG B 114 -3.71 28.40 -2.20
CA ARG B 114 -2.75 29.19 -1.43
C ARG B 114 -2.55 28.62 -0.02
N VAL B 115 -3.64 28.16 0.59
CA VAL B 115 -3.58 27.57 1.92
C VAL B 115 -2.66 26.35 1.91
N VAL B 116 -2.81 25.53 0.88
CA VAL B 116 -2.02 24.31 0.72
C VAL B 116 -0.59 24.64 0.26
N PHE B 117 -0.46 25.57 -0.67
CA PHE B 117 0.84 25.88 -1.27
C PHE B 117 1.81 26.52 -0.30
N ARG B 118 1.29 27.34 0.61
CA ARG B 118 2.14 27.99 1.62
C ARG B 118 2.77 26.96 2.56
N GLN B 119 2.09 25.84 2.74
CA GLN B 119 2.62 24.76 3.56
C GLN B 119 3.72 23.99 2.82
N ILE B 120 3.55 23.87 1.50
CA ILE B 120 4.55 23.22 0.68
C ILE B 120 5.84 24.03 0.64
N VAL B 121 5.69 25.35 0.45
CA VAL B 121 6.83 26.25 0.45
C VAL B 121 7.55 26.22 1.79
N SER B 122 6.79 26.16 2.87
CA SER B 122 7.34 26.10 4.22
C SER B 122 8.28 24.91 4.40
N ALA B 123 7.83 23.74 3.95
CA ALA B 123 8.62 22.53 4.07
C ALA B 123 9.87 22.58 3.19
N VAL B 124 9.70 22.97 1.93
CA VAL B 124 10.79 22.98 0.97
C VAL B 124 11.83 24.05 1.32
N ALA B 125 11.38 25.18 1.84
CA ALA B 125 12.31 26.24 2.27
C ALA B 125 13.18 25.76 3.43
N TYR B 126 12.61 24.97 4.32
CA TYR B 126 13.35 24.43 5.44
C TYR B 126 14.32 23.35 4.97
N VAL B 127 13.85 22.53 4.02
CA VAL B 127 14.68 21.48 3.45
C VAL B 127 15.94 22.08 2.82
N HIS B 128 15.75 23.15 2.06
CA HIS B 128 16.86 23.81 1.39
C HIS B 128 17.79 24.52 2.39
N SER B 129 17.21 25.02 3.48
CA SER B 129 17.99 25.70 4.50
C SER B 129 18.93 24.74 5.22
N GLN B 130 18.56 23.46 5.24
CA GLN B 130 19.39 22.44 5.87
C GLN B 130 20.35 21.81 4.86
N GLY B 131 20.47 22.44 3.70
CA GLY B 131 21.41 21.98 2.68
C GLY B 131 20.93 20.74 1.94
N TYR B 132 19.62 20.52 1.93
CA TYR B 132 19.05 19.37 1.24
C TYR B 132 18.21 19.79 0.04
N ALA B 133 17.88 18.82 -0.80
CA ALA B 133 16.97 19.03 -1.93
C ALA B 133 16.17 17.75 -2.14
N HIS B 134 14.84 17.86 -2.08
CA HIS B 134 13.97 16.70 -2.17
C HIS B 134 14.09 16.01 -3.54
N ARG B 135 14.06 16.80 -4.60
CA ARG B 135 14.23 16.32 -5.97
C ARG B 135 13.17 15.32 -6.42
N ASP B 136 12.06 15.26 -5.71
CA ASP B 136 10.97 14.35 -6.07
C ASP B 136 9.63 14.89 -5.59
N LEU B 137 9.46 16.20 -5.67
CA LEU B 137 8.22 16.85 -5.25
C LEU B 137 7.08 16.52 -6.20
N LYS B 138 6.06 15.85 -5.67
CA LYS B 138 4.89 15.48 -6.46
C LYS B 138 3.71 15.28 -5.51
N PRO B 139 2.47 15.33 -6.03
CA PRO B 139 1.28 15.24 -5.16
C PRO B 139 1.23 13.95 -4.33
N GLU B 140 1.81 12.88 -4.85
CA GLU B 140 1.83 11.60 -4.13
C GLU B 140 2.74 11.66 -2.90
N ASN B 141 3.64 12.63 -2.87
CA ASN B 141 4.60 12.73 -1.77
C ASN B 141 4.21 13.80 -0.77
N LEU B 142 2.95 14.20 -0.79
CA LEU B 142 2.41 15.16 0.16
C LEU B 142 1.14 14.59 0.79
N LEU B 143 1.21 14.30 2.08
CA LEU B 143 0.11 13.68 2.79
C LEU B 143 -0.54 14.64 3.78
N PHE B 144 -1.86 14.53 3.93
CA PHE B 144 -2.57 15.29 4.94
C PHE B 144 -2.60 14.51 6.25
N ASP B 145 -2.37 15.20 7.37
CA ASP B 145 -2.46 14.58 8.67
C ASP B 145 -3.89 14.64 9.18
N GLU B 146 -4.08 14.39 10.47
CA GLU B 146 -5.42 14.41 11.06
C GLU B 146 -5.99 15.82 11.12
N TYR B 147 -5.12 16.81 11.07
CA TYR B 147 -5.54 18.21 11.14
C TYR B 147 -5.59 18.85 9.75
N HIS B 148 -5.54 18.00 8.72
CA HIS B 148 -5.52 18.44 7.33
C HIS B 148 -4.34 19.37 7.06
N LYS B 149 -3.20 19.05 7.67
CA LYS B 149 -1.95 19.76 7.40
C LYS B 149 -1.05 18.87 6.56
N LEU B 150 -0.37 19.47 5.58
CA LEU B 150 0.47 18.71 4.67
C LEU B 150 1.76 18.24 5.31
N LYS B 151 2.17 17.03 4.96
CA LYS B 151 3.41 16.44 5.43
C LYS B 151 4.17 15.86 4.25
N LEU B 152 5.39 16.33 4.04
CA LEU B 152 6.23 15.86 2.94
C LEU B 152 6.85 14.51 3.26
N ILE B 153 6.77 13.56 2.32
CA ILE B 153 7.34 12.24 2.51
C ILE B 153 8.32 11.86 1.41
N ASP B 154 8.87 10.65 1.52
CA ASP B 154 9.76 10.06 0.52
C ASP B 154 10.99 10.92 0.22
N PHE B 155 11.99 10.80 1.08
CA PHE B 155 13.26 11.50 0.88
C PHE B 155 14.32 10.55 0.33
N GLY B 156 13.87 9.52 -0.39
CA GLY B 156 14.78 8.52 -0.95
C GLY B 156 15.63 9.06 -2.08
N LEU B 157 15.09 10.00 -2.83
CA LEU B 157 15.79 10.58 -3.97
C LEU B 157 16.38 11.95 -3.64
N CYS B 158 16.48 12.25 -2.36
CA CYS B 158 17.00 13.55 -1.92
C CYS B 158 18.52 13.60 -2.02
N ALA B 159 19.05 14.80 -2.13
CA ALA B 159 20.49 15.00 -2.23
C ALA B 159 20.93 16.23 -1.44
N LYS B 160 22.23 16.39 -1.27
CA LYS B 160 22.77 17.53 -0.55
C LYS B 160 23.75 18.31 -1.43
N PRO B 161 23.25 19.34 -2.15
CA PRO B 161 24.02 20.23 -3.02
C PRO B 161 25.35 20.67 -2.41
N GLY B 174 13.11 11.98 -10.27
CA GLY B 174 11.83 11.36 -9.96
C GLY B 174 10.88 11.37 -11.14
N SER B 175 9.66 11.86 -10.91
CA SER B 175 8.66 11.93 -11.96
C SER B 175 9.07 12.92 -13.05
N LEU B 176 8.97 12.49 -14.31
CA LEU B 176 9.39 13.29 -15.44
C LEU B 176 8.58 14.58 -15.56
N ALA B 177 7.27 14.48 -15.32
CA ALA B 177 6.38 15.62 -15.47
C ALA B 177 6.66 16.72 -14.45
N TYR B 178 7.34 16.36 -13.36
CA TYR B 178 7.66 17.31 -12.30
C TYR B 178 9.15 17.64 -12.27
N ALA B 179 9.91 17.01 -13.16
CA ALA B 179 11.35 17.20 -13.20
C ALA B 179 11.73 18.50 -13.91
N ALA B 180 12.76 19.17 -13.42
CA ALA B 180 13.24 20.42 -14.01
C ALA B 180 14.07 20.14 -15.26
N PRO B 181 14.08 21.09 -16.20
CA PRO B 181 14.88 20.97 -17.43
C PRO B 181 16.35 20.66 -17.17
N GLU B 182 16.95 21.34 -16.19
CA GLU B 182 18.34 21.11 -15.86
C GLU B 182 18.54 19.79 -15.13
N LEU B 183 17.50 19.35 -14.42
CA LEU B 183 17.54 18.08 -13.70
C LEU B 183 17.51 16.92 -14.68
N ILE B 184 16.90 17.15 -15.82
CA ILE B 184 16.83 16.12 -16.87
C ILE B 184 18.07 16.19 -17.76
N GLN B 185 18.92 15.16 -17.64
CA GLN B 185 20.15 15.06 -18.40
C GLN B 185 21.07 16.28 -18.20
N GLY B 186 21.88 16.21 -17.15
CA GLY B 186 22.82 17.29 -16.85
C GLY B 186 22.50 17.98 -15.53
N GLY B 191 20.28 22.15 -7.69
CA GLY B 191 19.54 21.26 -6.82
C GLY B 191 18.35 21.94 -6.17
N SER B 192 18.59 23.10 -5.56
CA SER B 192 17.54 23.85 -4.90
C SER B 192 16.58 24.46 -5.93
N GLU B 193 17.12 24.92 -7.05
CA GLU B 193 16.32 25.52 -8.10
C GLU B 193 15.41 24.49 -8.76
N ALA B 194 15.80 23.22 -8.71
CA ALA B 194 15.01 22.14 -9.28
C ALA B 194 13.69 21.97 -8.54
N ASP B 195 13.76 22.01 -7.21
CA ASP B 195 12.56 21.89 -6.39
C ASP B 195 11.60 23.04 -6.62
N VAL B 196 12.15 24.23 -6.87
CA VAL B 196 11.34 25.41 -7.17
C VAL B 196 10.50 25.18 -8.42
N TRP B 197 11.12 24.61 -9.45
CA TRP B 197 10.41 24.24 -10.68
C TRP B 197 9.27 23.27 -10.38
N SER B 198 9.57 22.23 -9.59
CA SER B 198 8.58 21.21 -9.25
C SER B 198 7.38 21.79 -8.50
N MET B 199 7.64 22.74 -7.62
CA MET B 199 6.57 23.41 -6.90
C MET B 199 5.70 24.22 -7.86
N GLY B 200 6.32 24.73 -8.92
CA GLY B 200 5.61 25.45 -9.95
C GLY B 200 4.61 24.54 -10.66
N ILE B 201 5.04 23.31 -10.93
CA ILE B 201 4.15 22.31 -11.53
C ILE B 201 3.00 21.99 -10.60
N LEU B 202 3.30 21.85 -9.32
CA LEU B 202 2.28 21.60 -8.29
C LEU B 202 1.24 22.72 -8.27
N LEU B 203 1.71 23.95 -8.28
CA LEU B 203 0.85 25.13 -8.26
C LEU B 203 -0.10 25.14 -9.45
N TYR B 204 0.40 24.74 -10.61
CA TYR B 204 -0.40 24.66 -11.82
C TYR B 204 -1.49 23.60 -11.68
N VAL B 205 -1.09 22.39 -11.26
CA VAL B 205 -2.02 21.27 -11.15
C VAL B 205 -3.13 21.55 -10.15
N LEU B 206 -2.77 22.17 -9.03
CA LEU B 206 -3.74 22.50 -8.00
C LEU B 206 -4.85 23.41 -8.51
N MET B 207 -4.49 24.37 -9.37
CA MET B 207 -5.45 25.36 -9.84
C MET B 207 -6.03 25.04 -11.20
N CYS B 208 -5.53 23.99 -11.84
CA CYS B 208 -5.99 23.62 -13.18
C CYS B 208 -6.60 22.22 -13.22
N GLY B 209 -6.01 21.30 -12.48
CA GLY B 209 -6.48 19.92 -12.45
C GLY B 209 -5.75 19.05 -13.45
N PHE B 210 -4.86 19.66 -14.23
CA PHE B 210 -4.05 18.92 -15.19
C PHE B 210 -2.64 19.50 -15.27
N LEU B 211 -1.74 18.76 -15.92
CA LEU B 211 -0.34 19.16 -16.02
C LEU B 211 -0.12 20.24 -17.08
N PRO B 212 0.87 21.12 -16.86
CA PRO B 212 1.24 22.11 -17.87
C PRO B 212 2.00 21.45 -19.03
N PHE B 213 2.70 20.37 -18.72
CA PHE B 213 3.41 19.59 -19.72
C PHE B 213 3.01 18.13 -19.63
N ASP B 214 2.35 17.62 -20.67
CA ASP B 214 1.88 16.24 -20.67
C ASP B 214 1.61 15.75 -22.09
N ASP B 215 1.92 14.48 -22.34
CA ASP B 215 1.70 13.87 -23.64
C ASP B 215 1.70 12.35 -23.54
N ASP B 216 1.13 11.69 -24.54
CA ASP B 216 1.09 10.23 -24.58
C ASP B 216 2.48 9.66 -24.87
N ASN B 217 3.30 10.46 -25.56
CA ASN B 217 4.66 10.07 -25.90
C ASN B 217 5.69 10.69 -24.95
N VAL B 218 6.68 9.90 -24.56
CA VAL B 218 7.74 10.37 -23.68
C VAL B 218 8.56 11.48 -24.33
N MET B 219 8.90 11.27 -25.61
CA MET B 219 9.70 12.24 -26.35
C MET B 219 8.91 13.53 -26.59
N ALA B 220 7.59 13.42 -26.67
CA ALA B 220 6.73 14.58 -26.86
C ALA B 220 6.68 15.40 -25.58
N LEU B 221 6.55 14.72 -24.44
CA LEU B 221 6.55 15.40 -23.15
C LEU B 221 7.93 15.96 -22.83
N TYR B 222 8.96 15.27 -23.32
CA TYR B 222 10.34 15.68 -23.13
C TYR B 222 10.59 17.04 -23.77
N LYS B 223 10.07 17.22 -24.98
CA LYS B 223 10.27 18.46 -25.73
C LYS B 223 9.51 19.63 -25.12
N LYS B 224 8.30 19.37 -24.64
CA LYS B 224 7.46 20.41 -24.07
C LYS B 224 8.10 21.04 -22.83
N ILE B 225 8.71 20.20 -21.99
CA ILE B 225 9.37 20.67 -20.77
C ILE B 225 10.56 21.55 -21.11
N MET B 226 11.36 21.12 -22.09
CA MET B 226 12.51 21.89 -22.53
C MET B 226 12.09 23.20 -23.19
N ARG B 227 10.95 23.17 -23.86
CA ARG B 227 10.43 24.37 -24.53
C ARG B 227 9.92 25.37 -23.50
N GLY B 228 9.14 24.89 -22.54
CA GLY B 228 8.63 25.74 -21.48
C GLY B 228 7.29 26.37 -21.79
N LYS B 229 6.75 26.04 -22.96
CA LYS B 229 5.47 26.60 -23.38
C LYS B 229 4.31 25.75 -22.88
N TYR B 230 3.38 26.38 -22.17
CA TYR B 230 2.20 25.70 -21.64
C TYR B 230 0.97 26.58 -21.75
N ASP B 231 -0.20 25.95 -21.81
CA ASP B 231 -1.45 26.69 -21.92
C ASP B 231 -1.84 27.34 -20.59
N VAL B 232 -2.56 28.45 -20.68
CA VAL B 232 -3.04 29.16 -19.50
C VAL B 232 -4.55 29.34 -19.57
N PRO B 233 -5.30 28.52 -18.82
CA PRO B 233 -6.77 28.60 -18.80
C PRO B 233 -7.28 29.95 -18.32
N LYS B 234 -8.49 30.30 -18.72
CA LYS B 234 -9.04 31.63 -18.47
C LYS B 234 -9.41 31.86 -17.00
N TRP B 235 -9.46 30.79 -16.21
CA TRP B 235 -9.85 30.91 -14.81
C TRP B 235 -8.66 31.25 -13.92
N LEU B 236 -7.46 31.27 -14.50
CA LEU B 236 -6.27 31.67 -13.76
C LEU B 236 -6.14 33.18 -13.70
N SER B 237 -6.08 33.73 -12.49
CA SER B 237 -5.90 35.16 -12.31
C SER B 237 -4.51 35.60 -12.78
N PRO B 238 -4.38 36.86 -13.21
CA PRO B 238 -3.08 37.42 -13.61
C PRO B 238 -1.99 37.24 -12.55
N SER B 239 -2.38 37.31 -11.28
CA SER B 239 -1.44 37.11 -10.18
C SER B 239 -0.91 35.68 -10.19
N SER B 240 -1.80 34.72 -10.45
CA SER B 240 -1.40 33.32 -10.56
C SER B 240 -0.49 33.10 -11.77
N ILE B 241 -0.82 33.76 -12.88
CA ILE B 241 -0.04 33.64 -14.10
C ILE B 241 1.38 34.14 -13.92
N LEU B 242 1.53 35.27 -13.24
CA LEU B 242 2.84 35.85 -12.95
C LEU B 242 3.72 34.89 -12.15
N LEU B 243 3.18 34.38 -11.05
CA LEU B 243 3.93 33.47 -10.19
C LEU B 243 4.32 32.20 -10.94
N LEU B 244 3.40 31.69 -11.75
CA LEU B 244 3.67 30.51 -12.56
C LEU B 244 4.82 30.76 -13.53
N GLN B 245 4.85 31.95 -14.13
CA GLN B 245 5.95 32.33 -15.02
C GLN B 245 7.28 32.37 -14.28
N GLN B 246 7.25 32.90 -13.05
CA GLN B 246 8.47 33.09 -12.28
C GLN B 246 9.04 31.78 -11.76
N MET B 247 8.16 30.81 -11.50
CA MET B 247 8.60 29.50 -11.00
C MET B 247 8.95 28.56 -12.14
N LEU B 248 8.18 28.62 -13.22
CA LEU B 248 8.39 27.73 -14.35
C LEU B 248 9.29 28.36 -15.42
N GLN B 249 10.50 28.72 -15.02
CA GLN B 249 11.51 29.19 -15.95
C GLN B 249 12.45 28.05 -16.31
N VAL B 250 12.69 27.85 -17.60
CA VAL B 250 13.57 26.80 -18.07
C VAL B 250 15.00 27.04 -17.57
N ASP B 251 15.44 28.30 -17.64
CA ASP B 251 16.73 28.68 -17.10
C ASP B 251 16.65 28.74 -15.58
N PRO B 252 17.40 27.86 -14.89
CA PRO B 252 17.37 27.78 -13.43
C PRO B 252 17.89 29.04 -12.76
N LYS B 253 18.66 29.84 -13.49
CA LYS B 253 19.20 31.09 -12.96
C LYS B 253 18.15 32.20 -13.01
N LYS B 254 17.26 32.13 -13.99
CA LYS B 254 16.19 33.11 -14.13
C LYS B 254 14.99 32.72 -13.29
N ARG B 255 15.05 31.53 -12.69
CA ARG B 255 13.97 31.02 -11.86
C ARG B 255 13.95 31.74 -10.52
N ILE B 256 12.75 32.00 -10.00
CA ILE B 256 12.59 32.73 -8.75
C ILE B 256 13.27 32.01 -7.58
N SER B 257 13.93 32.78 -6.73
CA SER B 257 14.62 32.23 -5.57
C SER B 257 13.64 31.95 -4.44
N MET B 258 14.07 31.12 -3.48
CA MET B 258 13.24 30.80 -2.34
C MET B 258 12.94 32.05 -1.51
N LYS B 259 13.92 32.94 -1.42
CA LYS B 259 13.78 34.18 -0.66
C LYS B 259 12.62 35.03 -1.16
N ASN B 260 12.57 35.23 -2.47
CA ASN B 260 11.52 36.04 -3.08
C ASN B 260 10.17 35.32 -3.09
N LEU B 261 10.21 33.99 -2.99
CA LEU B 261 8.98 33.21 -2.98
C LEU B 261 8.27 33.32 -1.63
N LEU B 262 9.07 33.32 -0.55
CA LEU B 262 8.54 33.33 0.81
C LEU B 262 7.62 34.52 1.08
N ASN B 263 7.93 35.66 0.45
CA ASN B 263 7.15 36.88 0.64
C ASN B 263 6.61 37.42 -0.68
N HIS B 264 6.40 36.52 -1.64
CA HIS B 264 5.84 36.88 -2.95
C HIS B 264 4.43 37.41 -2.79
N PRO B 265 4.06 38.44 -3.57
CA PRO B 265 2.73 39.06 -3.53
C PRO B 265 1.58 38.05 -3.58
N TRP B 266 1.68 37.06 -4.46
CA TRP B 266 0.65 36.03 -4.56
C TRP B 266 0.54 35.25 -3.25
N ILE B 267 1.69 34.96 -2.64
CA ILE B 267 1.76 34.25 -1.38
C ILE B 267 1.20 35.10 -0.24
N MET B 268 1.50 36.40 -0.28
CA MET B 268 1.10 37.32 0.78
C MET B 268 -0.40 37.60 0.78
N GLN B 269 -1.06 37.29 -0.33
CA GLN B 269 -2.49 37.57 -0.48
C GLN B 269 -3.33 36.87 0.58
N ASP B 270 -4.27 37.60 1.17
CA ASP B 270 -5.17 37.09 2.20
C ASP B 270 -4.46 36.60 3.46
N TYR B 271 -3.18 36.95 3.58
CA TYR B 271 -2.40 36.58 4.76
C TYR B 271 -1.65 37.80 5.30
N ASN B 272 -1.00 38.52 4.39
CA ASN B 272 -0.24 39.73 4.71
C ASN B 272 0.94 39.47 5.65
N TYR B 273 1.46 38.25 5.61
CA TYR B 273 2.71 37.91 6.28
C TYR B 273 3.39 36.76 5.54
N PRO B 274 4.74 36.79 5.49
CA PRO B 274 5.52 35.79 4.75
C PRO B 274 5.33 34.37 5.28
N VAL B 275 5.75 33.38 4.50
CA VAL B 275 5.66 31.99 4.91
C VAL B 275 6.57 31.70 6.10
N GLU B 276 6.00 31.20 7.18
CA GLU B 276 6.77 30.79 8.35
C GLU B 276 7.41 29.44 8.10
N TRP B 277 8.61 29.44 7.53
CA TRP B 277 9.27 28.21 7.12
C TRP B 277 10.16 27.61 8.21
N GLN B 278 10.54 28.44 9.18
CA GLN B 278 11.41 28.00 10.26
C GLN B 278 10.78 26.85 11.04
N SER B 279 11.59 25.86 11.41
CA SER B 279 11.11 24.69 12.12
C SER B 279 10.61 25.03 13.53
N LYS B 280 9.44 24.51 13.87
CA LYS B 280 8.89 24.68 15.21
C LYS B 280 9.15 23.42 16.05
N ASN B 281 9.81 22.44 15.44
CA ASN B 281 10.18 21.20 16.12
C ASN B 281 11.68 21.09 16.29
N PRO B 282 12.20 21.47 17.49
CA PRO B 282 13.64 21.58 17.73
C PRO B 282 14.35 20.27 18.10
N PHE B 283 15.67 20.28 17.99
CA PHE B 283 16.50 19.18 18.46
C PHE B 283 17.05 19.50 19.86
N ILE B 284 17.36 20.77 20.07
CA ILE B 284 18.00 21.20 21.31
C ILE B 284 17.02 21.27 22.48
N HIS B 285 16.03 22.14 22.36
CA HIS B 285 15.06 22.36 23.43
C HIS B 285 14.24 21.11 23.72
N LEU B 286 14.15 20.75 25.00
CA LEU B 286 13.36 19.61 25.44
C LEU B 286 12.18 20.06 26.30
N ASP B 287 11.02 19.47 26.07
CA ASP B 287 9.84 19.78 26.87
C ASP B 287 9.98 19.19 28.26
N ASP B 288 9.78 20.02 29.28
CA ASP B 288 9.98 19.61 30.67
C ASP B 288 9.02 18.50 31.09
N ASP B 289 7.75 18.62 30.72
CA ASP B 289 6.74 17.63 31.10
C ASP B 289 7.05 16.26 30.52
N CYS B 290 7.57 16.24 29.29
CA CYS B 290 7.90 14.98 28.63
C CYS B 290 9.15 14.34 29.24
N VAL B 291 10.13 15.17 29.58
CA VAL B 291 11.34 14.68 30.23
C VAL B 291 11.00 14.15 31.62
N THR B 292 10.14 14.89 32.33
CA THR B 292 9.67 14.49 33.65
C THR B 292 9.03 13.10 33.62
N GLU B 293 8.09 12.91 32.70
CA GLU B 293 7.38 11.64 32.58
C GLU B 293 8.34 10.52 32.21
N LEU B 294 9.29 10.80 31.32
CA LEU B 294 10.26 9.81 30.89
C LEU B 294 11.23 9.44 32.01
N SER B 295 11.69 10.45 32.74
CA SER B 295 12.60 10.24 33.86
C SER B 295 11.93 9.40 34.94
N VAL B 296 10.65 9.68 35.16
CA VAL B 296 9.87 9.01 36.20
C VAL B 296 9.50 7.58 35.78
N HIS B 297 9.10 7.43 34.52
CA HIS B 297 8.72 6.11 34.00
C HIS B 297 9.90 5.14 33.98
N HIS B 298 11.06 5.62 33.56
CA HIS B 298 12.24 4.79 33.46
C HIS B 298 13.06 4.81 34.75
N ARG B 299 12.48 5.43 35.79
CA ARG B 299 13.10 5.51 37.12
C ARG B 299 14.48 6.16 37.08
N ASN B 300 14.59 7.28 36.38
CA ASN B 300 15.85 8.02 36.30
C ASN B 300 15.67 9.47 36.76
N ASN B 301 16.76 10.23 36.81
CA ASN B 301 16.69 11.65 37.13
C ASN B 301 16.63 12.49 35.86
N ARG B 302 16.37 13.78 36.02
CA ARG B 302 16.16 14.68 34.88
C ARG B 302 17.38 14.82 33.99
N GLN B 303 18.53 15.14 34.59
CA GLN B 303 19.74 15.42 33.84
C GLN B 303 20.18 14.24 32.98
N THR B 304 20.21 13.05 33.59
CA THR B 304 20.63 11.85 32.87
C THR B 304 19.68 11.52 31.73
N MET B 305 18.40 11.79 31.94
CA MET B 305 17.39 11.53 30.92
C MET B 305 17.53 12.49 29.75
N GLU B 306 17.78 13.76 30.06
CA GLU B 306 17.96 14.78 29.02
C GLU B 306 19.15 14.47 28.13
N ASP B 307 20.20 13.91 28.74
CA ASP B 307 21.39 13.52 28.00
C ASP B 307 21.10 12.37 27.03
N LEU B 308 20.25 11.44 27.47
CA LEU B 308 19.89 10.29 26.65
C LEU B 308 19.02 10.70 25.46
N ILE B 309 18.05 11.57 25.72
CA ILE B 309 17.15 12.05 24.66
C ILE B 309 17.90 12.87 23.62
N SER B 310 18.85 13.69 24.10
CA SER B 310 19.59 14.59 23.22
C SER B 310 20.53 13.85 22.27
N LEU B 311 20.75 12.56 22.52
CA LEU B 311 21.59 11.74 21.65
C LEU B 311 20.92 11.52 20.31
N TRP B 312 19.58 11.43 20.32
CA TRP B 312 18.77 11.22 19.12
C TRP B 312 19.27 10.04 18.28
N GLN B 313 19.30 8.85 18.88
CA GLN B 313 19.75 7.65 18.19
C GLN B 313 18.61 7.05 17.39
N TYR B 314 17.43 7.65 17.50
CA TYR B 314 16.22 7.19 16.83
C TYR B 314 15.92 5.72 17.19
N ASP B 315 16.08 5.41 18.47
CA ASP B 315 15.63 4.14 19.01
C ASP B 315 14.26 4.33 19.64
N HIS B 316 13.92 3.47 20.61
CA HIS B 316 12.60 3.54 21.23
C HIS B 316 12.45 4.78 22.11
N LEU B 317 13.57 5.27 22.64
CA LEU B 317 13.55 6.46 23.47
C LEU B 317 13.15 7.69 22.65
N THR B 318 13.77 7.83 21.48
CA THR B 318 13.46 8.92 20.57
C THR B 318 11.99 8.88 20.18
N ALA B 319 11.52 7.69 19.83
CA ALA B 319 10.13 7.47 19.47
C ALA B 319 9.20 7.84 20.61
N THR B 320 9.54 7.38 21.82
CA THR B 320 8.72 7.63 23.00
C THR B 320 8.64 9.12 23.30
N TYR B 321 9.78 9.81 23.28
CA TYR B 321 9.81 11.22 23.57
C TYR B 321 9.01 12.04 22.57
N LEU B 322 9.27 11.81 21.28
CA LEU B 322 8.60 12.58 20.22
C LEU B 322 7.10 12.34 20.19
N LEU B 323 6.69 11.09 20.46
CA LEU B 323 5.28 10.75 20.45
C LEU B 323 4.59 11.23 21.73
N LEU B 324 5.35 11.31 22.81
CA LEU B 324 4.83 11.87 24.06
C LEU B 324 4.67 13.37 23.90
N LEU B 325 5.58 13.97 23.13
CA LEU B 325 5.51 15.38 22.82
C LEU B 325 4.28 15.66 21.97
N ALA B 326 4.04 14.79 20.99
CA ALA B 326 2.86 14.90 20.14
C ALA B 326 1.59 14.63 20.92
N LYS B 327 1.67 13.72 21.88
CA LYS B 327 0.53 13.37 22.73
C LYS B 327 0.16 14.57 23.61
N LYS B 328 1.16 15.32 24.05
CA LYS B 328 0.92 16.51 24.85
C LYS B 328 0.27 17.60 24.02
N ALA B 329 0.69 17.70 22.76
CA ALA B 329 0.22 18.75 21.87
C ALA B 329 -1.26 18.63 21.52
N ARG B 330 -1.79 17.42 21.59
CA ARG B 330 -3.20 17.20 21.26
C ARG B 330 -4.08 17.34 22.51
N GLY B 331 -3.45 17.67 23.63
CA GLY B 331 -4.19 17.89 24.86
C GLY B 331 -4.26 16.66 25.75
N LYS B 332 -3.83 15.53 25.22
CA LYS B 332 -3.83 14.27 25.98
C LYS B 332 -2.81 14.34 27.11
N PRO B 333 -3.09 13.64 28.23
CA PRO B 333 -2.20 13.64 29.39
C PRO B 333 -0.77 13.18 29.06
N VAL B 334 0.22 13.85 29.64
CA VAL B 334 1.61 13.46 29.44
C VAL B 334 1.90 12.22 30.28
N ARG B 335 1.43 11.07 29.79
CA ARG B 335 1.51 9.82 30.54
C ARG B 335 1.94 8.64 29.67
N LEU B 336 2.80 7.79 30.23
CA LEU B 336 3.19 6.55 29.57
C LEU B 336 2.43 5.38 30.19
N ARG B 337 2.13 4.38 29.37
CA ARG B 337 1.32 3.24 29.80
C ARG B 337 1.97 2.47 30.95
N LEU B 338 1.16 2.19 31.98
CA LEU B 338 1.63 1.41 33.12
C LEU B 338 1.88 -0.05 32.72
N SER B 339 3.11 -0.50 32.91
CA SER B 339 3.48 -1.87 32.58
C SER B 339 3.10 -2.83 33.69
#